data_4A3P
#
_entry.id   4A3P
#
_cell.length_a   44.950
_cell.length_b   44.250
_cell.length_c   56.150
_cell.angle_alpha   90.00
_cell.angle_beta   104.33
_cell.angle_gamma   90.00
#
_symmetry.space_group_name_H-M   'P 1 21 1'
#
loop_
_entity.id
_entity.type
_entity.pdbx_description
1 polymer 'UBIQUITIN CARBOXYL-TERMINAL HYDROLASE 15'
2 non-polymer 'ACETATE ION'
3 non-polymer 'IODIDE ION'
4 water water
#
_entity_poly.entity_id   1
_entity_poly.type   'polypeptide(L)'
_entity_poly.pdbx_seq_one_letter_code
;GAAADLDTQRSDIATLLKTSLRKGDTWYLVDSRWFKQWKKYVGFDSWDKYQMGDQNVYPGPIDNSGLLKDGDAQSLKEHL
IDELDYILLPTEGWNKLVSWYTLMEGQEPIARKVVEQGMFCKVEVYLTELKLCENGNMNNVVTRRFSKADTIDTIEKEIR
KIFSIPDEKETRLWNKYMSNTFEPLNKPDSTIQDAGLYQGQVLVIEQKNEDGTWPRG
;
_entity_poly.pdbx_strand_id   A
#
loop_
_chem_comp.id
_chem_comp.type
_chem_comp.name
_chem_comp.formula
ACT non-polymer 'ACETATE ION' 'C2 H3 O2 -1'
IOD non-polymer 'IODIDE ION' 'I -1'
#
# COMPACT_ATOMS: atom_id res chain seq x y z
N ALA A 3 -13.93 -11.25 21.54
CA ALA A 3 -13.07 -11.89 20.50
C ALA A 3 -13.46 -13.38 20.33
N ALA A 4 -13.08 -13.98 19.21
CA ALA A 4 -13.35 -15.36 18.99
C ALA A 4 -12.53 -16.16 20.03
N ASP A 5 -12.96 -17.38 20.29
CA ASP A 5 -12.16 -18.21 21.19
C ASP A 5 -10.85 -18.48 20.49
N LEU A 6 -9.90 -18.95 21.27
CA LEU A 6 -8.52 -19.09 20.76
C LEU A 6 -8.42 -20.12 19.63
N ASP A 7 -9.18 -21.21 19.72
CA ASP A 7 -9.16 -22.18 18.63
C ASP A 7 -9.74 -21.63 17.30
N THR A 8 -10.80 -20.84 17.39
CA THR A 8 -11.39 -20.24 16.20
C THR A 8 -10.43 -19.25 15.59
N GLN A 9 -9.73 -18.46 16.43
CA GLN A 9 -8.75 -17.47 15.90
C GLN A 9 -7.70 -18.22 15.12
N ARG A 10 -7.09 -19.24 15.75
CA ARG A 10 -6.07 -20.06 15.11
C ARG A 10 -6.56 -20.67 13.79
N SER A 11 -7.72 -21.31 13.82
CA SER A 11 -8.14 -22.00 12.65
C SER A 11 -8.47 -21.08 11.50
N ASP A 12 -9.14 -19.97 11.80
CA ASP A 12 -9.49 -19.00 10.75
C ASP A 12 -8.22 -18.42 10.12
N ILE A 13 -7.29 -17.95 10.95
CA ILE A 13 -6.12 -17.29 10.45
C ILE A 13 -5.22 -18.31 9.73
N ALA A 14 -5.12 -19.56 10.22
CA ALA A 14 -4.34 -20.56 9.52
C ALA A 14 -4.82 -20.69 8.06
N THR A 15 -6.15 -20.78 7.88
CA THR A 15 -6.68 -20.92 6.57
C THR A 15 -6.48 -19.63 5.75
N LEU A 16 -6.76 -18.48 6.38
CA LEU A 16 -6.65 -17.19 5.64
C LEU A 16 -5.19 -16.87 5.16
N LEU A 17 -4.19 -17.29 5.95
CA LEU A 17 -2.78 -17.09 5.56
C LEU A 17 -2.47 -17.80 4.23
N LYS A 18 -3.24 -18.83 3.89
CA LYS A 18 -3.03 -19.63 2.69
C LYS A 18 -3.93 -19.32 1.49
N THR A 19 -4.79 -18.33 1.65
CA THR A 19 -5.66 -17.81 0.63
CA THR A 19 -5.67 -18.09 0.63
C THR A 19 -4.89 -17.60 -0.65
N SER A 20 -5.43 -18.01 -1.77
CA SER A 20 -4.65 -17.82 -3.04
CA SER A 20 -4.60 -17.83 -3.00
C SER A 20 -4.49 -16.29 -3.30
N LEU A 21 -3.35 -15.94 -3.85
CA LEU A 21 -3.11 -14.55 -4.30
C LEU A 21 -3.77 -14.28 -5.61
N ARG A 22 -4.72 -13.38 -5.62
CA ARG A 22 -5.45 -13.07 -6.83
C ARG A 22 -5.23 -11.59 -7.13
N LYS A 23 -4.82 -11.31 -8.35
CA LYS A 23 -4.49 -9.97 -8.74
C LYS A 23 -5.63 -9.03 -8.39
N GLY A 24 -5.31 -7.92 -7.75
CA GLY A 24 -6.28 -6.90 -7.46
C GLY A 24 -6.92 -7.03 -6.10
N ASP A 25 -6.66 -8.15 -5.36
CA ASP A 25 -7.06 -8.23 -3.98
C ASP A 25 -6.15 -7.36 -3.09
N THR A 26 -6.66 -6.93 -1.92
CA THR A 26 -5.91 -6.13 -0.99
C THR A 26 -5.47 -7.04 0.14
N TRP A 27 -4.22 -6.98 0.48
CA TRP A 27 -3.64 -7.68 1.64
C TRP A 27 -3.00 -6.68 2.53
N TYR A 28 -2.71 -7.10 3.73
CA TYR A 28 -2.21 -6.28 4.80
C TYR A 28 -0.98 -6.83 5.45
N LEU A 29 0.00 -5.97 5.73
CA LEU A 29 1.16 -6.31 6.46
C LEU A 29 0.94 -6.30 7.95
N VAL A 30 1.48 -7.33 8.61
CA VAL A 30 1.46 -7.46 10.10
C VAL A 30 2.89 -7.69 10.55
N ASP A 31 3.38 -6.89 11.45
CA ASP A 31 4.74 -7.06 11.99
C ASP A 31 4.87 -8.45 12.58
N SER A 32 5.88 -9.17 12.19
CA SER A 32 6.12 -10.53 12.70
CA SER A 32 6.13 -10.53 12.72
C SER A 32 6.39 -10.60 14.22
N ARG A 33 6.87 -9.57 14.85
CA ARG A 33 6.97 -9.50 16.30
C ARG A 33 5.64 -9.65 16.97
N TRP A 34 4.68 -8.86 16.55
CA TRP A 34 3.33 -8.94 17.06
C TRP A 34 2.72 -10.32 16.73
N PHE A 35 2.83 -10.76 15.50
CA PHE A 35 2.27 -12.03 15.06
C PHE A 35 2.81 -13.25 15.86
N LYS A 36 4.08 -13.21 16.19
CA LYS A 36 4.70 -14.25 16.98
C LYS A 36 4.05 -14.34 18.35
N GLN A 37 3.82 -13.23 19.01
CA GLN A 37 3.11 -13.25 20.26
C GLN A 37 1.71 -13.76 20.10
N TRP A 38 1.03 -13.27 19.07
CA TRP A 38 -0.30 -13.75 18.82
C TRP A 38 -0.30 -15.28 18.69
N LYS A 39 0.62 -15.83 17.92
CA LYS A 39 0.66 -17.26 17.72
C LYS A 39 0.84 -18.02 19.04
N LYS A 40 1.69 -17.53 19.90
CA LYS A 40 1.88 -18.16 21.20
C LYS A 40 0.59 -18.11 21.99
N TYR A 41 -0.06 -16.97 21.95
CA TYR A 41 -1.26 -16.76 22.76
C TYR A 41 -2.37 -17.69 22.30
N VAL A 42 -2.52 -17.94 21.02
CA VAL A 42 -3.61 -18.77 20.54
C VAL A 42 -3.23 -20.23 20.37
N GLY A 43 -1.98 -20.57 20.65
CA GLY A 43 -1.49 -21.91 20.39
C GLY A 43 -1.56 -22.32 18.94
N PHE A 44 -1.09 -21.41 18.07
CA PHE A 44 -1.23 -21.55 16.64
C PHE A 44 -0.62 -22.82 16.12
N ASP A 45 0.56 -23.10 16.60
CA ASP A 45 1.28 -24.23 16.14
C ASP A 45 1.29 -25.32 17.20
N SER A 46 1.21 -26.53 16.71
CA SER A 46 1.18 -27.67 17.53
C SER A 46 2.36 -27.74 18.46
N TRP A 47 3.48 -27.24 18.00
CA TRP A 47 4.64 -27.34 18.83
C TRP A 47 4.88 -26.12 19.71
N ASP A 48 3.93 -25.18 19.78
CA ASP A 48 4.02 -24.09 20.74
C ASP A 48 2.70 -23.69 21.36
N LYS A 49 2.24 -24.55 22.25
CA LYS A 49 1.08 -24.29 23.03
C LYS A 49 1.40 -24.05 24.51
N TYR A 50 2.68 -23.86 24.79
CA TYR A 50 3.17 -23.76 26.17
C TYR A 50 2.57 -22.58 26.93
N GLN A 51 2.24 -21.51 26.21
CA GLN A 51 1.75 -20.26 26.80
C GLN A 51 0.40 -19.87 26.23
N MET A 52 -0.29 -20.84 25.64
CA MET A 52 -1.58 -20.59 25.08
C MET A 52 -2.56 -20.07 26.12
N GLY A 53 -3.22 -18.97 25.82
CA GLY A 53 -4.09 -18.30 26.81
C GLY A 53 -3.45 -17.47 27.91
N ASP A 54 -2.10 -17.42 27.96
CA ASP A 54 -1.42 -16.69 29.04
C ASP A 54 -1.34 -15.20 28.74
N GLN A 55 -1.66 -14.37 29.75
CA GLN A 55 -1.65 -12.90 29.60
C GLN A 55 -0.24 -12.41 29.25
N ASN A 56 0.75 -13.15 29.73
CA ASN A 56 2.16 -12.95 29.44
C ASN A 56 2.51 -12.86 27.91
N VAL A 57 1.81 -13.62 27.08
CA VAL A 57 2.03 -13.50 25.63
C VAL A 57 0.85 -12.81 24.90
N TYR A 58 -0.15 -12.31 25.63
CA TYR A 58 -1.22 -11.54 24.99
C TYR A 58 -0.60 -10.44 24.16
N PRO A 59 -0.96 -10.35 22.86
CA PRO A 59 -0.15 -9.49 21.98
C PRO A 59 -0.50 -7.98 22.04
N GLY A 60 -1.64 -7.63 22.64
CA GLY A 60 -2.15 -6.27 22.68
C GLY A 60 -2.56 -5.79 21.32
N PRO A 61 -2.91 -4.49 21.20
CA PRO A 61 -3.25 -3.94 19.91
C PRO A 61 -2.21 -4.17 18.84
N ILE A 62 -2.66 -4.40 17.62
CA ILE A 62 -1.75 -4.61 16.49
C ILE A 62 -0.81 -3.41 16.37
N ASP A 63 0.48 -3.71 16.29
CA ASP A 63 1.53 -2.71 16.30
C ASP A 63 2.47 -2.98 15.16
N ASN A 64 2.41 -2.15 14.12
CA ASN A 64 3.27 -2.24 12.98
C ASN A 64 4.37 -1.20 12.96
N SER A 65 4.55 -0.51 14.07
CA SER A 65 5.55 0.59 14.13
C SER A 65 6.98 0.15 13.76
N GLY A 66 7.35 -1.07 14.06
CA GLY A 66 8.62 -1.61 13.65
C GLY A 66 8.85 -1.81 12.18
N LEU A 67 7.80 -1.75 11.37
CA LEU A 67 7.91 -1.85 9.93
C LEU A 67 8.07 -0.47 9.25
N LEU A 68 7.81 0.57 10.00
CA LEU A 68 7.73 1.91 9.42
C LEU A 68 8.96 2.74 9.72
N LYS A 69 9.39 3.51 8.75
CA LYS A 69 10.56 4.34 8.94
C LYS A 69 10.36 5.27 10.09
N ASP A 70 11.39 5.47 10.88
CA ASP A 70 11.38 6.46 11.94
C ASP A 70 11.03 7.83 11.31
N GLY A 71 10.10 8.53 11.95
CA GLY A 71 9.73 9.88 11.58
C GLY A 71 8.50 10.02 10.70
N SER A 75 5.61 5.31 5.25
CA SER A 75 6.74 4.79 4.54
C SER A 75 7.36 3.57 5.26
N LEU A 76 7.52 2.48 4.52
CA LEU A 76 8.12 1.28 5.08
C LEU A 76 9.64 1.32 5.12
N LYS A 77 10.23 0.69 6.12
CA LYS A 77 11.66 0.49 6.17
C LYS A 77 12.06 -0.27 4.98
N GLU A 78 13.31 -0.08 4.55
CA GLU A 78 13.83 -0.81 3.42
C GLU A 78 14.22 -2.21 3.80
N HIS A 79 14.22 -3.04 2.77
CA HIS A 79 14.71 -4.45 2.80
C HIS A 79 13.99 -5.30 3.79
N LEU A 80 12.67 -5.09 3.92
CA LEU A 80 11.86 -5.99 4.74
C LEU A 80 11.69 -7.32 3.97
N ILE A 81 11.66 -8.42 4.72
CA ILE A 81 11.57 -9.77 4.18
C ILE A 81 10.35 -10.45 4.69
N ASP A 82 9.57 -11.00 3.77
CA ASP A 82 8.34 -11.72 4.09
C ASP A 82 8.68 -12.87 5.04
N GLU A 83 7.80 -13.09 6.03
CA GLU A 83 7.89 -14.11 7.07
C GLU A 83 8.81 -13.68 8.16
N LEU A 84 10.01 -13.26 7.83
CA LEU A 84 10.99 -12.85 8.81
C LEU A 84 10.58 -11.54 9.50
N ASP A 85 10.15 -10.54 8.72
CA ASP A 85 9.87 -9.23 9.28
C ASP A 85 8.38 -8.94 9.38
N TYR A 86 7.64 -9.43 8.41
CA TYR A 86 6.17 -9.25 8.38
C TYR A 86 5.48 -10.51 7.88
N ILE A 87 4.20 -10.67 8.22
CA ILE A 87 3.39 -11.67 7.53
C ILE A 87 2.28 -10.90 6.75
N LEU A 88 1.68 -11.62 5.83
CA LEU A 88 0.68 -11.08 4.95
C LEU A 88 -0.65 -11.73 5.21
N LEU A 89 -1.69 -10.91 5.33
CA LEU A 89 -3.07 -11.43 5.49
C LEU A 89 -3.99 -10.78 4.47
N PRO A 90 -4.98 -11.54 4.00
CA PRO A 90 -5.96 -10.94 3.13
C PRO A 90 -6.88 -10.07 3.96
N THR A 91 -7.74 -9.31 3.29
CA THR A 91 -8.67 -8.39 3.94
C THR A 91 -9.45 -8.99 5.12
N GLU A 92 -10.03 -10.18 4.88
CA GLU A 92 -10.78 -10.82 5.94
C GLU A 92 -9.93 -11.10 7.16
N GLY A 93 -8.73 -11.60 6.93
CA GLY A 93 -7.85 -11.87 8.08
C GLY A 93 -7.41 -10.62 8.84
N TRP A 94 -7.04 -9.54 8.12
CA TRP A 94 -6.78 -8.28 8.78
C TRP A 94 -7.95 -7.85 9.63
N ASN A 95 -9.11 -7.81 8.99
CA ASN A 95 -10.30 -7.27 9.64
C ASN A 95 -10.58 -8.03 10.94
N LYS A 96 -10.40 -9.36 10.90
CA LYS A 96 -10.58 -10.19 12.11
C LYS A 96 -9.59 -9.88 13.19
N LEU A 97 -8.29 -9.74 12.83
CA LEU A 97 -7.33 -9.43 13.84
C LEU A 97 -7.67 -8.04 14.46
N VAL A 98 -8.01 -7.07 13.61
CA VAL A 98 -8.35 -5.71 14.11
C VAL A 98 -9.56 -5.77 15.08
N SER A 99 -10.54 -6.56 14.72
CA SER A 99 -11.71 -6.71 15.57
CA SER A 99 -11.69 -6.69 15.58
C SER A 99 -11.35 -7.35 16.91
N TRP A 100 -10.47 -8.32 16.85
CA TRP A 100 -10.12 -9.01 18.10
C TRP A 100 -9.21 -8.27 19.00
N TYR A 101 -8.28 -7.53 18.45
CA TYR A 101 -7.22 -6.88 19.24
C TYR A 101 -7.19 -5.39 19.24
N THR A 102 -7.86 -4.74 18.27
CA THR A 102 -7.72 -3.30 17.95
C THR A 102 -6.36 -3.01 17.30
N LEU A 103 -6.31 -1.89 16.58
CA LEU A 103 -5.06 -1.40 16.04
C LEU A 103 -4.50 -0.36 16.99
N MET A 104 -3.22 -0.42 17.23
CA MET A 104 -2.60 0.53 18.13
CA MET A 104 -2.56 0.53 18.11
C MET A 104 -2.88 1.97 17.77
N GLU A 105 -3.11 2.81 18.81
CA GLU A 105 -3.38 4.26 18.65
C GLU A 105 -2.35 4.90 17.75
N GLY A 106 -2.84 5.69 16.78
CA GLY A 106 -1.94 6.50 15.95
C GLY A 106 -1.51 5.87 14.66
N GLN A 107 -1.76 4.57 14.53
CA GLN A 107 -1.35 3.84 13.35
C GLN A 107 -2.49 3.71 12.37
N GLU A 108 -2.07 3.51 11.11
CA GLU A 108 -2.96 3.22 10.03
C GLU A 108 -2.62 1.84 9.50
N PRO A 109 -3.60 1.14 8.96
CA PRO A 109 -3.25 -0.12 8.31
C PRO A 109 -2.27 0.06 7.16
N ILE A 110 -1.57 -1.02 6.86
CA ILE A 110 -0.61 -1.07 5.77
C ILE A 110 -1.23 -1.95 4.69
N ALA A 111 -2.05 -1.35 3.84
CA ALA A 111 -2.80 -2.02 2.80
C ALA A 111 -2.05 -1.99 1.51
N ARG A 112 -1.98 -3.15 0.85
CA ARG A 112 -1.24 -3.31 -0.37
C ARG A 112 -1.97 -4.19 -1.37
N LYS A 113 -1.69 -4.01 -2.63
CA LYS A 113 -2.35 -4.81 -3.64
C LYS A 113 -1.56 -6.03 -4.12
N VAL A 114 -2.28 -7.05 -4.60
CA VAL A 114 -1.66 -8.20 -5.25
C VAL A 114 -1.49 -7.92 -6.75
N VAL A 115 -0.23 -7.88 -7.18
CA VAL A 115 0.14 -7.60 -8.58
C VAL A 115 0.82 -8.85 -9.19
N GLU A 116 1.35 -8.76 -10.40
CA GLU A 116 2.03 -9.88 -11.01
C GLU A 116 3.55 -9.91 -10.69
N GLN A 117 4.08 -11.13 -10.59
CA GLN A 117 5.48 -11.36 -10.38
C GLN A 117 5.87 -12.46 -11.33
N GLY A 118 6.22 -12.05 -12.54
CA GLY A 118 6.34 -12.97 -13.62
C GLY A 118 5.00 -13.56 -13.91
N MET A 119 4.94 -14.89 -13.95
CA MET A 119 3.68 -15.59 -14.18
C MET A 119 2.98 -15.89 -12.83
N PHE A 120 3.60 -15.50 -11.72
CA PHE A 120 3.03 -15.69 -10.38
C PHE A 120 2.55 -14.34 -9.88
N CYS A 121 2.40 -14.20 -8.58
CA CYS A 121 1.90 -12.99 -7.98
C CYS A 121 2.70 -12.67 -6.82
N LYS A 122 2.48 -11.46 -6.32
CA LYS A 122 3.09 -10.99 -5.13
C LYS A 122 2.19 -9.89 -4.58
N VAL A 123 2.29 -9.70 -3.33
CA VAL A 123 1.78 -8.50 -2.72
C VAL A 123 2.84 -7.44 -2.96
N GLU A 124 2.40 -6.31 -3.53
CA GLU A 124 3.30 -5.18 -3.80
C GLU A 124 3.52 -4.47 -2.50
N VAL A 125 4.68 -4.66 -1.89
CA VAL A 125 4.97 -4.10 -0.61
C VAL A 125 5.48 -2.65 -0.68
N TYR A 126 6.38 -2.37 -1.64
CA TYR A 126 6.95 -1.01 -1.77
C TYR A 126 6.23 -0.25 -2.87
N LEU A 127 5.52 0.81 -2.51
CA LEU A 127 4.80 1.66 -3.47
C LEU A 127 5.77 2.50 -4.31
N THR A 128 5.26 3.11 -5.36
CA THR A 128 5.97 4.01 -6.22
C THR A 128 5.68 5.44 -5.88
N GLU A 129 6.73 6.20 -5.47
CA GLU A 129 6.60 7.61 -5.15
C GLU A 129 6.79 8.44 -6.42
N LEU A 130 5.84 9.33 -6.70
CA LEU A 130 5.90 10.26 -7.79
C LEU A 130 5.98 11.68 -7.31
N LYS A 131 6.70 12.54 -8.05
CA LYS A 131 6.75 13.96 -7.74
C LYS A 131 5.75 14.63 -8.60
N LEU A 132 4.75 15.26 -7.99
CA LEU A 132 3.67 15.87 -8.73
C LEU A 132 3.72 17.39 -8.71
N CYS A 133 3.43 18.01 -9.86
CA CYS A 133 3.43 19.48 -9.92
C CYS A 133 2.45 19.96 -10.99
N GLU A 134 2.14 21.28 -10.94
CA GLU A 134 1.23 21.88 -11.85
C GLU A 134 2.09 22.86 -12.65
N ASN A 135 1.77 22.99 -13.92
CA ASN A 135 2.63 23.72 -14.88
C ASN A 135 2.95 25.20 -14.50
N GLY A 136 2.03 25.85 -13.80
CA GLY A 136 2.22 27.25 -13.39
C GLY A 136 3.45 27.43 -12.55
N ASN A 137 3.83 26.38 -11.82
CA ASN A 137 4.98 26.50 -10.97
C ASN A 137 5.66 25.16 -10.76
N MET A 138 6.67 24.87 -11.57
CA MET A 138 7.41 23.62 -11.47
C MET A 138 8.15 23.39 -10.12
N ASN A 139 8.35 24.44 -9.35
CA ASN A 139 8.95 24.33 -8.02
C ASN A 139 8.04 23.98 -6.86
N ASN A 140 6.74 23.88 -7.09
CA ASN A 140 5.83 23.59 -5.98
C ASN A 140 5.51 22.12 -6.23
N VAL A 141 6.36 21.24 -5.73
CA VAL A 141 6.26 19.81 -5.98
C VAL A 141 5.80 19.12 -4.70
N VAL A 142 4.90 18.14 -4.90
CA VAL A 142 4.30 17.38 -3.76
C VAL A 142 4.51 15.90 -4.17
N THR A 143 4.96 15.10 -3.24
CA THR A 143 5.16 13.69 -3.50
C THR A 143 4.00 12.88 -2.97
N ARG A 144 3.64 11.87 -3.75
CA ARG A 144 2.57 10.91 -3.40
C ARG A 144 3.01 9.53 -3.83
N ARG A 145 2.51 8.54 -3.12
CA ARG A 145 2.75 7.11 -3.40
C ARG A 145 1.58 6.45 -4.07
N PHE A 146 1.88 5.60 -5.02
CA PHE A 146 0.88 4.89 -5.80
C PHE A 146 1.28 3.45 -6.01
N SER A 147 0.31 2.60 -6.31
CA SER A 147 0.57 1.26 -6.76
C SER A 147 0.93 1.24 -8.23
N LYS A 148 1.75 0.32 -8.69
CA LYS A 148 1.92 0.13 -10.12
C LYS A 148 0.64 -0.27 -10.86
N ALA A 149 -0.33 -0.75 -10.12
CA ALA A 149 -1.62 -1.06 -10.67
C ALA A 149 -2.59 0.11 -10.69
N ASP A 150 -2.27 1.25 -10.08
CA ASP A 150 -3.09 2.42 -10.23
C ASP A 150 -3.02 2.89 -11.67
N THR A 151 -4.07 3.65 -12.10
CA THR A 151 -4.15 4.17 -13.40
C THR A 151 -3.61 5.61 -13.45
N ILE A 152 -3.30 5.99 -14.67
CA ILE A 152 -2.97 7.36 -14.94
C ILE A 152 -4.09 8.33 -14.50
N ASP A 153 -5.32 7.93 -14.74
CA ASP A 153 -6.45 8.72 -14.25
C ASP A 153 -6.43 8.99 -12.75
N THR A 154 -6.06 7.94 -11.97
CA THR A 154 -5.92 8.11 -10.56
C THR A 154 -4.85 9.13 -10.23
N ILE A 155 -3.73 9.11 -10.89
CA ILE A 155 -2.71 10.14 -10.63
C ILE A 155 -3.27 11.54 -10.92
N GLU A 156 -3.93 11.68 -12.06
CA GLU A 156 -4.49 12.96 -12.45
C GLU A 156 -5.54 13.47 -11.47
N LYS A 157 -6.36 12.60 -10.98
CA LYS A 157 -7.32 12.98 -9.98
C LYS A 157 -6.68 13.52 -8.74
N GLU A 158 -5.60 12.87 -8.34
CA GLU A 158 -4.82 13.31 -7.14
C GLU A 158 -4.17 14.68 -7.38
N ILE A 159 -3.54 14.86 -8.56
CA ILE A 159 -2.91 16.16 -8.86
C ILE A 159 -3.98 17.28 -8.81
N ARG A 160 -5.12 17.02 -9.43
CA ARG A 160 -6.17 18.01 -9.51
C ARG A 160 -6.65 18.40 -8.13
N LYS A 161 -6.72 17.41 -7.23
CA LYS A 161 -7.03 17.70 -5.84
C LYS A 161 -6.02 18.52 -5.07
N ILE A 162 -4.75 18.15 -5.24
CA ILE A 162 -3.68 18.86 -4.56
C ILE A 162 -3.63 20.33 -4.95
N PHE A 163 -3.80 20.58 -6.24
CA PHE A 163 -3.57 21.94 -6.81
C PHE A 163 -4.87 22.73 -7.05
N SER A 164 -5.95 22.14 -6.57
CA SER A 164 -7.31 22.76 -6.66
C SER A 164 -7.70 23.06 -8.06
N ILE A 165 -7.53 22.11 -8.96
CA ILE A 165 -7.89 22.30 -10.36
C ILE A 165 -9.36 21.93 -10.49
N PRO A 166 -10.20 22.82 -11.04
CA PRO A 166 -11.63 22.45 -11.19
C PRO A 166 -11.92 21.32 -12.22
N ASP A 167 -12.98 20.52 -11.97
CA ASP A 167 -13.35 19.39 -12.88
C ASP A 167 -13.62 19.85 -14.30
N GLU A 168 -14.06 21.07 -14.42
CA GLU A 168 -14.40 21.58 -15.75
C GLU A 168 -13.13 21.94 -16.57
N LYS A 169 -12.03 22.26 -15.90
CA LYS A 169 -10.86 22.62 -16.66
C LYS A 169 -10.32 21.39 -17.32
N GLU A 170 -10.00 21.47 -18.61
CA GLU A 170 -9.40 20.39 -19.35
C GLU A 170 -7.92 20.42 -18.96
N THR A 171 -7.28 19.24 -19.07
CA THR A 171 -5.85 19.14 -18.71
C THR A 171 -5.03 18.24 -19.66
N ARG A 172 -3.72 18.37 -19.61
CA ARG A 172 -2.81 17.44 -20.25
C ARG A 172 -1.77 17.07 -19.19
N LEU A 173 -1.47 15.75 -19.12
CA LEU A 173 -0.50 15.20 -18.20
C LEU A 173 0.74 14.83 -18.96
N TRP A 174 1.88 15.05 -18.28
CA TRP A 174 3.23 14.81 -18.85
C TRP A 174 4.11 14.16 -17.83
N ASN A 175 4.97 13.28 -18.27
CA ASN A 175 6.03 12.74 -17.42
C ASN A 175 7.39 13.25 -17.88
N LYS A 176 8.28 13.49 -16.94
CA LYS A 176 9.66 13.84 -17.27
C LYS A 176 10.41 12.66 -17.84
N TYR A 177 11.15 12.90 -18.90
CA TYR A 177 11.99 11.90 -19.52
C TYR A 177 13.45 12.19 -19.31
N MET A 178 13.82 13.47 -19.27
CA MET A 178 15.16 14.03 -18.95
C MET A 178 14.94 15.57 -18.75
N SER A 179 16.00 16.35 -18.48
CA SER A 179 15.90 17.76 -18.27
CA SER A 179 15.88 17.77 -18.30
C SER A 179 15.09 18.41 -19.36
N ASN A 180 14.14 19.19 -18.93
CA ASN A 180 13.33 20.04 -19.83
C ASN A 180 12.76 19.29 -21.02
N THR A 181 12.42 18.02 -20.77
CA THR A 181 12.01 17.08 -21.80
C THR A 181 10.98 16.17 -21.21
N PHE A 182 9.75 16.38 -21.64
CA PHE A 182 8.61 15.73 -21.05
C PHE A 182 7.83 15.05 -22.16
N GLU A 183 7.14 13.99 -21.80
CA GLU A 183 6.35 13.20 -22.73
C GLU A 183 4.88 13.14 -22.30
N PRO A 184 3.96 13.04 -23.27
CA PRO A 184 2.57 13.05 -22.90
C PRO A 184 2.10 11.70 -22.34
N LEU A 185 1.22 11.78 -21.37
CA LEU A 185 0.48 10.66 -20.82
C LEU A 185 -0.95 10.87 -21.27
N ASN A 186 -1.21 10.26 -22.43
CA ASN A 186 -2.42 10.45 -23.17
C ASN A 186 -3.49 9.36 -22.96
N LYS A 187 -3.19 8.37 -22.13
CA LYS A 187 -4.06 7.21 -22.01
C LYS A 187 -4.42 7.03 -20.53
N PRO A 188 -5.58 7.54 -20.13
CA PRO A 188 -5.87 7.62 -18.71
C PRO A 188 -6.14 6.20 -18.11
N ASP A 189 -6.47 5.26 -18.97
CA ASP A 189 -6.71 3.89 -18.59
C ASP A 189 -5.47 3.05 -18.41
N SER A 190 -4.30 3.56 -18.83
CA SER A 190 -3.08 2.82 -18.62
CA SER A 190 -3.08 2.82 -18.62
C SER A 190 -2.75 2.76 -17.13
N THR A 191 -2.16 1.65 -16.70
CA THR A 191 -1.61 1.54 -15.36
C THR A 191 -0.22 2.23 -15.32
N ILE A 192 0.21 2.54 -14.13
CA ILE A 192 1.54 3.05 -13.89
C ILE A 192 2.62 2.10 -14.42
N GLN A 193 2.39 0.80 -14.26
CA GLN A 193 3.28 -0.19 -14.85
C GLN A 193 3.35 -0.06 -16.36
N ASP A 194 2.16 -0.01 -16.99
CA ASP A 194 2.14 0.01 -18.44
C ASP A 194 2.75 1.31 -19.01
N ALA A 195 2.61 2.42 -18.30
CA ALA A 195 3.13 3.72 -18.71
C ALA A 195 4.63 3.82 -18.48
N GLY A 196 5.20 2.89 -17.73
CA GLY A 196 6.62 2.89 -17.50
C GLY A 196 7.12 3.89 -16.49
N LEU A 197 6.26 4.37 -15.58
CA LEU A 197 6.68 5.40 -14.65
C LEU A 197 7.58 4.77 -13.57
N TYR A 198 8.36 5.58 -12.91
CA TYR A 198 9.36 5.07 -11.92
C TYR A 198 9.46 6.00 -10.70
N GLN A 199 10.03 5.43 -9.64
CA GLN A 199 10.25 6.11 -8.39
C GLN A 199 10.96 7.46 -8.55
N GLY A 200 10.36 8.52 -8.03
CA GLY A 200 10.93 9.85 -8.04
C GLY A 200 10.68 10.63 -9.30
N GLN A 201 9.96 10.02 -10.25
CA GLN A 201 9.67 10.69 -11.51
C GLN A 201 8.77 11.91 -11.34
N VAL A 202 9.08 13.00 -12.06
CA VAL A 202 8.24 14.19 -12.08
C VAL A 202 7.11 14.03 -13.11
N LEU A 203 5.90 14.26 -12.63
CA LEU A 203 4.74 14.38 -13.41
C LEU A 203 4.20 15.79 -13.29
N VAL A 204 3.87 16.39 -14.45
CA VAL A 204 3.32 17.71 -14.45
C VAL A 204 1.95 17.72 -15.17
N ILE A 205 0.97 18.39 -14.54
CA ILE A 205 -0.31 18.66 -15.22
C ILE A 205 -0.33 20.10 -15.70
N GLU A 206 -0.96 20.25 -16.86
CA GLU A 206 -1.24 21.59 -17.38
C GLU A 206 -2.74 21.71 -17.69
N GLN A 207 -3.26 22.91 -17.44
CA GLN A 207 -4.65 23.22 -17.62
C GLN A 207 -4.82 24.01 -18.89
N LYS A 208 -5.97 23.92 -19.56
CA LYS A 208 -6.13 24.90 -20.63
C LYS A 208 -6.46 26.30 -20.03
N ASN A 209 -5.99 27.24 -20.76
CA ASN A 209 -6.17 28.66 -20.43
C ASN A 209 -7.64 29.11 -20.54
N GLU A 210 -7.92 30.32 -20.10
CA GLU A 210 -9.30 30.84 -20.08
C GLU A 210 -9.84 30.87 -21.51
N ASP A 211 -8.92 31.08 -22.46
CA ASP A 211 -9.30 31.06 -23.86
C ASP A 211 -9.40 29.65 -24.46
N THR A 213 -7.02 27.34 -25.24
CA THR A 213 -5.67 26.92 -25.62
C THR A 213 -4.82 26.30 -24.48
N TRP A 214 -3.76 25.58 -24.86
CA TRP A 214 -2.88 24.95 -23.90
C TRP A 214 -1.65 25.80 -23.61
N PRO A 215 -1.29 25.92 -22.34
CA PRO A 215 -0.13 26.72 -21.93
C PRO A 215 1.18 26.10 -22.40
N ARG A 216 1.29 24.79 -22.29
CA ARG A 216 2.49 24.07 -22.72
C ARG A 216 2.53 23.90 -24.23
C ACT B . -12.11 -18.14 7.29
O ACT B . -12.50 -17.47 6.29
OXT ACT B . -12.08 -17.71 8.42
CH3 ACT B . -11.58 -19.51 7.06
I IOD C . 6.24 2.28 0.88
#